data_1GWV
#
_entry.id   1GWV
#
_cell.length_a   45.010
_cell.length_b   93.978
_cell.length_c   94.681
_cell.angle_alpha   90.00
_cell.angle_beta   99.05
_cell.angle_gamma   90.00
#
_symmetry.space_group_name_H-M   'P 1 21 1'
#
loop_
_entity.id
_entity.type
_entity.pdbx_description
1 polymer 'N-ACETYLLACTOSAMINIDE ALPHA-1,3-GALACTOSYLTRANSFERASE'
2 branched beta-D-galactopyranose-(1-4)-beta-D-glucopyranose
3 non-polymer "URIDINE-5'-DIPHOSPHATE"
4 non-polymer 'MANGANESE (II) ION'
5 water water
#
_entity_poly.entity_id   1
_entity_poly.type   'polypeptide(L)'
_entity_poly.pdbx_seq_one_letter_code
;ESKLKLSDWFNPFKRPEVVTMTKWKAPVVWEGTYNRAVLDNYYAKQKITVGLTVFAVGRYIEHYLEEFLTSANKHFMVGH
PVIFYIMVDDVSRMPLIELGPLRSFKVFKIKPEKRWQDISMMRMKTIGEHIVAHIQHEVDFLFCMDVDQVFQDKFGVETL
GESVAQLQAWWYKADPNDFTYERRKESAAYIPFGEGDFYYHAAIFGGTPTQVLNITQECFKGILKDKKNDIEAQWHDESH
LNKYFLLNKPTKILSPEYCWDYHIGLPADIKLVKMSWQTKEYNVVRNNV
;
_entity_poly.pdbx_strand_id   A,B
#
loop_
_chem_comp.id
_chem_comp.type
_chem_comp.name
_chem_comp.formula
BGC D-saccharide, beta linking beta-D-glucopyranose 'C6 H12 O6'
GAL D-saccharide, beta linking beta-D-galactopyranose 'C6 H12 O6'
MN non-polymer 'MANGANESE (II) ION' 'Mn 2'
UDP RNA linking URIDINE-5'-DIPHOSPHATE 'C9 H14 N2 O12 P2'
#
# COMPACT_ATOMS: atom_id res chain seq x y z
N LYS A 3 24.03 -4.25 12.69
CA LYS A 3 25.17 -3.29 12.58
C LYS A 3 24.86 -1.98 13.28
N LEU A 4 23.81 -1.97 14.08
CA LEU A 4 23.42 -0.77 14.82
C LEU A 4 23.48 -1.08 16.31
N LYS A 5 24.17 -0.23 17.07
CA LYS A 5 24.25 -0.45 18.50
C LYS A 5 23.38 0.59 19.21
N LEU A 6 22.88 0.24 20.39
CA LEU A 6 22.02 1.14 21.16
C LEU A 6 22.61 2.53 21.38
N SER A 7 23.88 2.61 21.74
CA SER A 7 24.55 3.88 21.98
C SER A 7 24.52 4.82 20.77
N ASP A 8 24.25 4.26 19.60
CA ASP A 8 24.21 5.04 18.36
C ASP A 8 23.05 6.01 18.27
N TRP A 9 21.94 5.67 18.92
CA TRP A 9 20.74 6.50 18.87
C TRP A 9 20.04 6.71 20.20
N PHE A 10 20.43 5.95 21.22
CA PHE A 10 19.79 6.04 22.53
C PHE A 10 20.66 6.62 23.64
N ASN A 11 20.18 7.68 24.30
CA ASN A 11 20.92 8.32 25.38
C ASN A 11 20.05 8.43 26.63
N PRO A 12 20.21 7.48 27.57
CA PRO A 12 19.41 7.46 28.80
C PRO A 12 19.64 8.64 29.73
N PHE A 13 20.82 9.25 29.64
CA PHE A 13 21.14 10.38 30.50
C PHE A 13 20.31 11.64 30.24
N LYS A 14 19.66 11.70 29.09
CA LYS A 14 18.84 12.86 28.77
C LYS A 14 17.59 12.91 29.65
N ARG A 15 17.15 11.75 30.14
CA ARG A 15 15.99 11.66 31.02
C ARG A 15 16.43 10.88 32.25
N PRO A 16 17.19 11.53 33.15
CA PRO A 16 17.68 10.88 34.37
C PRO A 16 16.65 10.53 35.44
N GLU A 17 15.52 11.22 35.45
CA GLU A 17 14.50 10.99 36.47
C GLU A 17 13.50 9.87 36.19
N VAL A 18 13.69 9.13 35.11
CA VAL A 18 12.77 8.05 34.78
C VAL A 18 13.50 6.79 34.36
N VAL A 19 12.87 5.63 34.56
CA VAL A 19 13.49 4.36 34.18
C VAL A 19 13.79 4.43 32.69
N THR A 20 15.06 4.25 32.33
CA THR A 20 15.46 4.30 30.92
C THR A 20 16.10 3.01 30.43
N MET A 21 16.32 2.08 31.36
CA MET A 21 16.94 0.82 31.01
C MET A 21 16.40 -0.27 31.92
N THR A 22 16.19 -1.47 31.38
CA THR A 22 15.72 -2.58 32.19
C THR A 22 16.92 -3.41 32.65
N LYS A 23 16.70 -4.31 33.61
CA LYS A 23 17.79 -5.15 34.11
C LYS A 23 18.32 -6.10 33.04
N TRP A 24 17.56 -6.26 31.96
CA TRP A 24 17.98 -7.12 30.87
C TRP A 24 18.57 -6.28 29.72
N LYS A 25 18.94 -5.05 30.08
CA LYS A 25 19.55 -4.10 29.16
C LYS A 25 18.70 -3.60 27.99
N ALA A 26 17.38 -3.72 28.10
CA ALA A 26 16.52 -3.23 27.02
C ALA A 26 16.20 -1.77 27.31
N PRO A 27 16.23 -0.91 26.28
CA PRO A 27 15.91 0.50 26.49
C PRO A 27 14.42 0.80 26.58
N VAL A 28 14.10 1.87 27.31
CA VAL A 28 12.73 2.35 27.46
C VAL A 28 12.83 3.74 26.84
N VAL A 29 12.28 3.87 25.65
CA VAL A 29 12.32 5.11 24.87
C VAL A 29 11.43 6.22 25.40
N TRP A 30 12.07 7.28 25.87
CA TRP A 30 11.37 8.46 26.41
C TRP A 30 11.72 9.65 25.53
N GLU A 31 10.86 10.66 25.54
CA GLU A 31 11.11 11.87 24.76
C GLU A 31 12.44 12.45 25.23
N GLY A 32 13.32 12.77 24.27
CA GLY A 32 14.62 13.33 24.61
C GLY A 32 15.79 12.37 24.58
N THR A 33 15.52 11.08 24.77
CA THR A 33 16.57 10.07 24.80
C THR A 33 16.94 9.49 23.44
N TYR A 34 16.09 9.69 22.43
CA TYR A 34 16.33 9.14 21.10
C TYR A 34 16.77 10.16 20.05
N ASN A 35 17.54 9.68 19.08
CA ASN A 35 18.06 10.46 17.96
C ASN A 35 17.36 9.98 16.67
N ARG A 36 16.15 10.46 16.42
CA ARG A 36 15.41 10.01 15.24
C ARG A 36 16.19 10.16 13.93
N ALA A 37 16.85 11.29 13.74
CA ALA A 37 17.62 11.53 12.51
C ALA A 37 18.66 10.43 12.21
N VAL A 38 19.36 9.96 13.24
CA VAL A 38 20.34 8.90 13.05
C VAL A 38 19.63 7.63 12.64
N LEU A 39 18.45 7.40 13.21
CA LEU A 39 17.67 6.22 12.90
C LEU A 39 17.01 6.29 11.53
N ASP A 40 16.50 7.46 11.15
CA ASP A 40 15.84 7.60 9.86
C ASP A 40 16.79 7.30 8.69
N ASN A 41 18.04 7.73 8.83
CA ASN A 41 19.02 7.51 7.79
C ASN A 41 19.38 6.03 7.71
N TYR A 42 19.77 5.46 8.84
CA TYR A 42 20.14 4.05 8.92
C TYR A 42 19.08 3.17 8.32
N TYR A 43 17.82 3.51 8.60
CA TYR A 43 16.67 2.76 8.13
C TYR A 43 16.28 3.04 6.67
N ALA A 44 16.44 4.28 6.25
CA ALA A 44 16.11 4.64 4.88
C ALA A 44 16.99 3.85 3.92
N LYS A 45 18.23 3.58 4.34
CA LYS A 45 19.18 2.83 3.52
C LYS A 45 18.81 1.36 3.43
N GLN A 46 18.13 0.84 4.44
CA GLN A 46 17.71 -0.56 4.40
C GLN A 46 16.39 -0.70 3.66
N LYS A 47 15.83 0.42 3.21
CA LYS A 47 14.54 0.41 2.50
C LYS A 47 13.50 -0.38 3.28
N ILE A 48 13.35 -0.07 4.57
CA ILE A 48 12.38 -0.79 5.38
C ILE A 48 10.95 -0.35 5.13
N THR A 49 10.01 -1.24 5.42
CA THR A 49 8.59 -0.93 5.31
C THR A 49 7.99 -1.32 6.65
N VAL A 50 7.18 -0.42 7.21
CA VAL A 50 6.54 -0.65 8.51
C VAL A 50 5.04 -0.84 8.35
N GLY A 51 4.51 -1.91 8.94
CA GLY A 51 3.09 -2.21 8.85
C GLY A 51 2.36 -1.94 10.15
N LEU A 52 1.09 -1.60 10.03
CA LEU A 52 0.27 -1.32 11.20
C LEU A 52 -1.13 -1.93 11.05
N THR A 53 -1.50 -2.77 12.02
CA THR A 53 -2.79 -3.42 12.01
C THR A 53 -3.69 -2.71 13.01
N VAL A 54 -4.97 -2.57 12.65
CA VAL A 54 -5.95 -1.97 13.53
C VAL A 54 -7.31 -2.59 13.25
N PHE A 55 -7.98 -3.02 14.32
CA PHE A 55 -9.30 -3.63 14.24
C PHE A 55 -10.40 -2.60 14.56
N ALA A 56 -11.54 -2.74 13.89
CA ALA A 56 -12.68 -1.87 14.11
C ALA A 56 -13.92 -2.66 13.77
N VAL A 57 -14.54 -3.24 14.81
CA VAL A 57 -15.74 -4.05 14.70
C VAL A 57 -16.88 -3.35 15.43
N GLY A 58 -18.05 -3.29 14.81
CA GLY A 58 -19.17 -2.64 15.46
C GLY A 58 -19.00 -1.14 15.41
N ARG A 59 -19.62 -0.43 16.35
CA ARG A 59 -19.54 1.03 16.38
C ARG A 59 -18.15 1.57 16.59
N TYR A 60 -17.19 0.69 16.85
CA TYR A 60 -15.82 1.14 17.00
C TYR A 60 -15.42 1.74 15.66
N ILE A 61 -16.10 1.31 14.61
CA ILE A 61 -15.85 1.80 13.26
C ILE A 61 -16.19 3.28 13.16
N GLU A 62 -17.47 3.61 13.24
CA GLU A 62 -17.93 5.00 13.15
C GLU A 62 -17.36 5.90 14.24
N HIS A 63 -17.12 5.35 15.43
CA HIS A 63 -16.59 6.13 16.53
C HIS A 63 -15.08 6.43 16.50
N TYR A 64 -14.27 5.51 15.97
CA TYR A 64 -12.84 5.75 16.01
C TYR A 64 -11.97 5.49 14.79
N LEU A 65 -12.42 4.66 13.85
CA LEU A 65 -11.57 4.34 12.72
C LEU A 65 -11.00 5.52 11.93
N GLU A 66 -11.84 6.46 11.55
CA GLU A 66 -11.34 7.60 10.80
C GLU A 66 -10.32 8.43 11.58
N GLU A 67 -10.63 8.76 12.83
CA GLU A 67 -9.69 9.56 13.61
C GLU A 67 -8.37 8.85 13.76
N PHE A 68 -8.40 7.54 13.95
CA PHE A 68 -7.15 6.81 14.11
C PHE A 68 -6.32 6.86 12.84
N LEU A 69 -6.95 6.53 11.72
CA LEU A 69 -6.25 6.51 10.44
C LEU A 69 -5.76 7.88 10.00
N THR A 70 -6.54 8.92 10.21
CA THR A 70 -6.12 10.25 9.79
C THR A 70 -4.86 10.67 10.53
N SER A 71 -4.81 10.38 11.82
CA SER A 71 -3.65 10.75 12.63
C SER A 71 -2.44 9.84 12.36
N ALA A 72 -2.69 8.55 12.12
CA ALA A 72 -1.61 7.60 11.83
C ALA A 72 -0.90 8.04 10.54
N ASN A 73 -1.72 8.43 9.57
CA ASN A 73 -1.26 8.89 8.27
C ASN A 73 -0.30 10.05 8.40
N LYS A 74 -0.61 10.92 9.34
CA LYS A 74 0.19 12.11 9.57
C LYS A 74 1.37 11.97 10.54
N HIS A 75 1.28 11.04 11.50
CA HIS A 75 2.34 10.88 12.51
C HIS A 75 3.14 9.58 12.58
N PHE A 76 2.62 8.50 12.01
CA PHE A 76 3.27 7.20 12.08
C PHE A 76 4.36 6.93 11.06
N MET A 77 5.56 6.60 11.56
CA MET A 77 6.71 6.29 10.72
C MET A 77 6.87 7.20 9.48
N VAL A 78 6.78 8.51 9.66
CA VAL A 78 6.91 9.42 8.55
C VAL A 78 8.29 9.35 7.89
N GLY A 79 8.30 9.31 6.56
CA GLY A 79 9.55 9.24 5.83
C GLY A 79 9.89 7.84 5.37
N HIS A 80 9.01 6.89 5.67
CA HIS A 80 9.22 5.49 5.29
C HIS A 80 7.95 4.84 4.78
N PRO A 81 8.09 3.85 3.89
CA PRO A 81 6.91 3.18 3.37
C PRO A 81 6.15 2.55 4.54
N VAL A 82 4.85 2.79 4.58
CA VAL A 82 3.98 2.27 5.63
C VAL A 82 2.72 1.64 5.02
N ILE A 83 2.31 0.49 5.54
CA ILE A 83 1.10 -0.16 5.04
C ILE A 83 0.11 -0.34 6.18
N PHE A 84 -1.09 0.22 6.02
CA PHE A 84 -2.12 0.11 7.05
C PHE A 84 -3.00 -1.10 6.75
N TYR A 85 -3.10 -2.02 7.72
CA TYR A 85 -3.93 -3.21 7.59
C TYR A 85 -5.18 -3.03 8.45
N ILE A 86 -6.29 -2.73 7.79
CA ILE A 86 -7.57 -2.46 8.46
C ILE A 86 -8.54 -3.65 8.54
N MET A 87 -8.79 -4.12 9.77
CA MET A 87 -9.70 -5.24 10.00
C MET A 87 -11.09 -4.80 10.47
N VAL A 88 -12.08 -4.84 9.57
CA VAL A 88 -13.44 -4.45 9.92
C VAL A 88 -14.47 -5.55 9.61
N ASP A 89 -15.56 -5.57 10.38
CA ASP A 89 -16.58 -6.59 10.16
C ASP A 89 -17.53 -6.18 9.05
N ASP A 90 -17.48 -4.90 8.67
CA ASP A 90 -18.36 -4.39 7.63
C ASP A 90 -17.64 -3.32 6.81
N VAL A 91 -17.11 -3.73 5.66
CA VAL A 91 -16.37 -2.84 4.77
C VAL A 91 -17.18 -1.66 4.21
N SER A 92 -18.50 -1.78 4.19
CA SER A 92 -19.33 -0.70 3.66
C SER A 92 -19.27 0.55 4.52
N ARG A 93 -18.94 0.40 5.80
CA ARG A 93 -18.87 1.53 6.72
C ARG A 93 -17.44 2.03 6.95
N MET A 94 -16.48 1.42 6.27
CA MET A 94 -15.08 1.79 6.37
C MET A 94 -14.84 3.11 5.66
N PRO A 95 -14.30 4.11 6.39
CA PRO A 95 -14.03 5.42 5.79
C PRO A 95 -12.74 5.44 4.95
N LEU A 96 -12.80 6.03 3.75
CA LEU A 96 -11.62 6.10 2.88
C LEU A 96 -11.00 7.49 2.93
N ILE A 97 -10.23 7.77 3.97
CA ILE A 97 -9.59 9.06 4.09
C ILE A 97 -8.47 9.13 3.07
N GLU A 98 -8.05 10.33 2.73
CA GLU A 98 -6.96 10.49 1.77
C GLU A 98 -5.64 10.25 2.50
N LEU A 99 -4.83 9.32 1.98
CA LEU A 99 -3.55 9.04 2.60
C LEU A 99 -2.49 9.88 1.90
N GLY A 100 -1.41 10.20 2.60
CA GLY A 100 -0.35 11.01 2.04
C GLY A 100 0.79 10.19 1.47
N PRO A 101 1.94 10.84 1.20
CA PRO A 101 3.13 10.19 0.64
C PRO A 101 3.63 9.03 1.50
N LEU A 102 4.01 7.95 0.84
CA LEU A 102 4.55 6.77 1.53
C LEU A 102 3.57 6.00 2.41
N ARG A 103 2.28 6.28 2.24
CA ARG A 103 1.24 5.56 2.97
C ARG A 103 0.38 4.85 1.92
N SER A 104 -0.10 3.67 2.27
CA SER A 104 -0.99 2.91 1.41
C SER A 104 -1.66 1.93 2.34
N PHE A 105 -2.72 1.28 1.90
CA PHE A 105 -3.37 0.32 2.78
C PHE A 105 -4.16 -0.78 2.09
N LYS A 106 -4.84 -1.57 2.90
CA LYS A 106 -5.67 -2.66 2.41
C LYS A 106 -6.62 -3.04 3.53
N VAL A 107 -7.84 -3.40 3.15
CA VAL A 107 -8.88 -3.76 4.11
C VAL A 107 -9.38 -5.17 3.96
N PHE A 108 -9.60 -5.84 5.08
CA PHE A 108 -10.12 -7.20 5.08
C PHE A 108 -11.41 -7.24 5.89
N LYS A 109 -12.39 -8.00 5.42
CA LYS A 109 -13.63 -8.13 6.16
C LYS A 109 -13.43 -9.33 7.06
N ILE A 110 -13.76 -9.18 8.34
CA ILE A 110 -13.62 -10.28 9.30
C ILE A 110 -14.94 -10.62 9.97
N LYS A 111 -14.97 -11.74 10.68
CA LYS A 111 -16.18 -12.17 11.38
C LYS A 111 -16.32 -11.45 12.70
N PRO A 112 -17.52 -10.93 12.99
CA PRO A 112 -17.73 -10.22 14.26
C PRO A 112 -18.09 -11.21 15.35
N GLU A 113 -17.26 -11.31 16.39
CA GLU A 113 -17.52 -12.23 17.49
C GLU A 113 -18.66 -11.64 18.31
N LYS A 114 -19.36 -12.47 19.08
CA LYS A 114 -20.49 -11.99 19.87
C LYS A 114 -20.13 -11.08 21.04
N ARG A 115 -19.28 -11.57 21.94
CA ARG A 115 -18.87 -10.80 23.11
C ARG A 115 -17.69 -9.89 22.76
N TRP A 116 -17.77 -8.61 23.15
CA TRP A 116 -16.68 -7.68 22.85
C TRP A 116 -15.34 -8.22 23.38
N GLN A 117 -15.42 -9.04 24.43
CA GLN A 117 -14.21 -9.61 25.00
C GLN A 117 -13.52 -10.52 24.00
N ASP A 118 -14.30 -11.25 23.21
CA ASP A 118 -13.71 -12.15 22.22
C ASP A 118 -13.23 -11.39 21.00
N ILE A 119 -13.90 -10.28 20.68
CA ILE A 119 -13.50 -9.46 19.55
C ILE A 119 -12.09 -8.98 19.88
N SER A 120 -11.91 -8.48 21.09
CA SER A 120 -10.62 -7.99 21.51
C SER A 120 -9.60 -9.13 21.56
N MET A 121 -10.01 -10.28 22.08
CA MET A 121 -9.09 -11.41 22.18
C MET A 121 -8.81 -12.18 20.89
N MET A 122 -9.79 -12.25 19.99
CA MET A 122 -9.62 -12.94 18.72
C MET A 122 -8.59 -12.28 17.82
N ARG A 123 -8.37 -10.99 18.01
CA ARG A 123 -7.38 -10.26 17.23
C ARG A 123 -6.06 -11.02 17.21
N MET A 124 -5.71 -11.62 18.36
CA MET A 124 -4.47 -12.37 18.46
C MET A 124 -4.40 -13.48 17.40
N LYS A 125 -5.49 -14.22 17.25
CA LYS A 125 -5.55 -15.29 16.26
C LYS A 125 -5.46 -14.73 14.86
N THR A 126 -6.26 -13.70 14.58
CA THR A 126 -6.30 -13.10 13.27
C THR A 126 -4.99 -12.43 12.79
N ILE A 127 -4.32 -11.68 13.67
CA ILE A 127 -3.08 -11.02 13.29
C ILE A 127 -2.08 -12.06 12.82
N GLY A 128 -2.04 -13.18 13.56
CA GLY A 128 -1.13 -14.26 13.23
C GLY A 128 -1.45 -14.85 11.87
N GLU A 129 -2.72 -15.04 11.59
CA GLU A 129 -3.10 -15.61 10.31
C GLU A 129 -2.62 -14.69 9.19
N HIS A 130 -2.76 -13.38 9.37
CA HIS A 130 -2.34 -12.46 8.34
C HIS A 130 -0.82 -12.33 8.26
N ILE A 131 -0.14 -12.56 9.37
CA ILE A 131 1.31 -12.46 9.34
C ILE A 131 1.91 -13.57 8.49
N VAL A 132 1.36 -14.78 8.66
CA VAL A 132 1.83 -15.93 7.90
C VAL A 132 1.40 -15.77 6.43
N ALA A 133 0.14 -15.40 6.22
CA ALA A 133 -0.40 -15.25 4.87
C ALA A 133 0.22 -14.13 4.03
N HIS A 134 0.53 -12.98 4.63
CA HIS A 134 1.12 -11.92 3.83
C HIS A 134 1.98 -10.86 4.49
N ILE A 135 1.64 -10.42 5.70
CA ILE A 135 2.43 -9.38 6.34
C ILE A 135 3.92 -9.72 6.48
N GLN A 136 4.23 -10.99 6.74
CA GLN A 136 5.62 -11.40 6.88
C GLN A 136 6.39 -11.12 5.61
N HIS A 137 5.70 -11.02 4.48
CA HIS A 137 6.36 -10.77 3.19
C HIS A 137 6.32 -9.30 2.74
N GLU A 138 5.60 -8.47 3.48
CA GLU A 138 5.46 -7.08 3.07
C GLU A 138 6.13 -6.04 3.96
N VAL A 139 6.46 -6.43 5.19
CA VAL A 139 7.07 -5.46 6.09
C VAL A 139 8.23 -6.01 6.90
N ASP A 140 8.98 -5.09 7.49
CA ASP A 140 10.16 -5.43 8.30
C ASP A 140 9.80 -5.38 9.77
N PHE A 141 8.92 -4.46 10.12
CA PHE A 141 8.44 -4.31 11.49
C PHE A 141 6.94 -4.10 11.43
N LEU A 142 6.25 -4.55 12.46
CA LEU A 142 4.80 -4.45 12.50
C LEU A 142 4.31 -4.03 13.88
N PHE A 143 3.35 -3.12 13.92
CA PHE A 143 2.75 -2.68 15.18
C PHE A 143 1.28 -3.05 15.12
N CYS A 144 0.73 -3.47 16.25
CA CYS A 144 -0.67 -3.84 16.38
C CYS A 144 -1.28 -2.94 17.45
N MET A 145 -2.26 -2.13 17.07
CA MET A 145 -2.87 -1.18 17.98
C MET A 145 -4.38 -1.23 18.11
N ASP A 146 -4.87 -0.65 19.20
CA ASP A 146 -6.30 -0.55 19.46
C ASP A 146 -6.76 0.61 18.58
N VAL A 147 -8.04 0.64 18.23
CA VAL A 147 -8.56 1.71 17.40
C VAL A 147 -8.98 2.96 18.20
N ASP A 148 -9.31 2.75 19.48
CA ASP A 148 -9.77 3.83 20.36
C ASP A 148 -8.66 4.76 20.90
N GLN A 149 -7.85 5.29 19.99
CA GLN A 149 -6.77 6.20 20.36
C GLN A 149 -6.37 6.96 19.11
N VAL A 150 -5.61 8.05 19.27
CA VAL A 150 -5.20 8.87 18.13
C VAL A 150 -3.77 9.42 18.28
N PHE A 151 -3.02 9.48 17.17
CA PHE A 151 -1.66 9.99 17.25
C PHE A 151 -1.66 11.50 17.44
N GLN A 152 -0.78 11.99 18.30
CA GLN A 152 -0.69 13.42 18.55
C GLN A 152 0.61 13.98 18.01
N ASP A 153 1.60 13.12 17.81
CA ASP A 153 2.88 13.60 17.31
C ASP A 153 3.72 12.50 16.69
N LYS A 154 4.92 12.82 16.24
CA LYS A 154 5.77 11.85 15.58
C LYS A 154 5.98 10.56 16.37
N PHE A 155 5.56 9.46 15.75
CA PHE A 155 5.66 8.13 16.32
C PHE A 155 6.55 7.42 15.31
N GLY A 156 7.86 7.60 15.43
CA GLY A 156 8.76 7.04 14.45
C GLY A 156 9.61 5.82 14.68
N VAL A 157 10.60 5.70 13.80
CA VAL A 157 11.52 4.58 13.77
C VAL A 157 12.23 4.30 15.09
N GLU A 158 12.25 5.26 15.99
CA GLU A 158 12.90 5.07 17.28
C GLU A 158 12.13 4.03 18.12
N THR A 159 10.93 3.66 17.67
CA THR A 159 10.10 2.66 18.36
C THR A 159 10.24 1.23 17.80
N LEU A 160 11.02 1.08 16.73
CA LEU A 160 11.18 -0.23 16.10
C LEU A 160 12.12 -1.18 16.87
N GLY A 161 11.84 -2.47 16.80
CA GLY A 161 12.66 -3.45 17.47
C GLY A 161 12.14 -4.87 17.30
N GLU A 162 12.92 -5.85 17.75
CA GLU A 162 12.55 -7.26 17.67
C GLU A 162 11.13 -7.50 18.21
N SER A 163 10.93 -7.09 19.46
CA SER A 163 9.67 -7.21 20.14
C SER A 163 9.57 -5.94 20.98
N VAL A 164 8.47 -5.21 20.78
CA VAL A 164 8.24 -3.92 21.44
C VAL A 164 6.98 -3.91 22.31
N ALA A 165 7.12 -3.44 23.53
CA ALA A 165 5.99 -3.37 24.45
C ALA A 165 5.73 -1.91 24.87
N GLN A 166 4.49 -1.64 25.27
CA GLN A 166 4.06 -0.31 25.68
C GLN A 166 3.70 -0.25 27.17
N LEU A 167 4.26 0.73 27.88
CA LEU A 167 3.96 0.88 29.32
C LEU A 167 2.60 1.56 29.52
N GLN A 168 1.67 0.85 30.14
CA GLN A 168 0.35 1.42 30.38
C GLN A 168 0.48 2.68 31.25
N ALA A 169 -0.16 3.77 30.83
CA ALA A 169 -0.09 5.07 31.50
C ALA A 169 -0.41 5.23 32.99
N TRP A 170 -1.32 4.41 33.52
CA TRP A 170 -1.69 4.49 34.92
C TRP A 170 -0.79 3.75 35.90
N TRP A 171 0.08 2.87 35.42
CA TRP A 171 0.89 2.08 36.33
C TRP A 171 2.41 2.10 36.18
N TYR A 172 2.90 2.94 35.27
CA TYR A 172 4.33 3.02 35.00
C TYR A 172 5.20 3.35 36.21
N LYS A 173 4.57 3.78 37.31
CA LYS A 173 5.32 4.08 38.52
C LYS A 173 4.96 3.14 39.67
N ALA A 174 3.95 2.30 39.47
CA ALA A 174 3.55 1.37 40.53
C ALA A 174 4.52 0.21 40.70
N ASP A 175 4.45 -0.45 41.85
CA ASP A 175 5.28 -1.62 42.12
C ASP A 175 4.53 -2.82 41.53
N PRO A 176 5.27 -3.84 41.05
CA PRO A 176 4.64 -5.03 40.47
C PRO A 176 3.46 -5.63 41.23
N ASN A 177 3.52 -5.66 42.56
CA ASN A 177 2.42 -6.22 43.33
C ASN A 177 1.14 -5.37 43.31
N ASP A 178 1.22 -4.20 42.69
CA ASP A 178 0.05 -3.32 42.57
C ASP A 178 -0.56 -3.47 41.19
N PHE A 179 0.23 -4.02 40.26
CA PHE A 179 -0.20 -4.23 38.88
C PHE A 179 -1.45 -5.10 38.82
N THR A 180 -2.33 -4.79 37.86
CA THR A 180 -3.56 -5.56 37.70
C THR A 180 -3.35 -6.79 36.79
N TYR A 181 -2.36 -7.62 37.16
CA TYR A 181 -2.04 -8.87 36.45
C TYR A 181 -3.16 -9.85 36.81
N GLU A 182 -3.22 -10.98 36.12
CA GLU A 182 -4.22 -12.00 36.45
C GLU A 182 -3.57 -12.71 37.63
N ARG A 183 -4.29 -12.80 38.75
CA ARG A 183 -3.74 -13.42 39.96
C ARG A 183 -4.23 -14.84 40.31
N ARG A 184 -5.14 -15.39 39.49
CA ARG A 184 -5.66 -16.75 39.72
C ARG A 184 -4.76 -17.75 39.03
N LYS A 185 -4.23 -18.71 39.78
CA LYS A 185 -3.33 -19.70 39.19
C LYS A 185 -4.00 -20.61 38.16
N GLU A 186 -5.34 -20.58 38.09
CA GLU A 186 -6.06 -21.41 37.13
C GLU A 186 -5.99 -20.88 35.71
N SER A 187 -5.56 -19.63 35.53
CA SER A 187 -5.46 -19.06 34.20
C SER A 187 -4.04 -19.13 33.67
N ALA A 188 -3.92 -19.22 32.35
CA ALA A 188 -2.62 -19.28 31.71
C ALA A 188 -1.91 -17.95 31.82
N ALA A 189 -2.69 -16.89 32.06
CA ALA A 189 -2.15 -15.54 32.17
C ALA A 189 -1.54 -15.26 33.54
N TYR A 190 -1.85 -16.11 34.50
CA TYR A 190 -1.36 -15.99 35.88
C TYR A 190 0.07 -15.54 36.05
N ILE A 191 0.25 -14.56 36.94
CA ILE A 191 1.55 -14.02 37.31
C ILE A 191 1.48 -13.89 38.83
N PRO A 192 2.30 -14.65 39.56
CA PRO A 192 2.32 -14.63 41.03
C PRO A 192 2.76 -13.31 41.63
N PHE A 193 2.30 -13.00 42.84
CA PHE A 193 2.76 -11.78 43.49
C PHE A 193 4.26 -12.05 43.71
N GLY A 194 5.09 -11.03 43.59
CA GLY A 194 6.50 -11.24 43.77
C GLY A 194 7.21 -11.34 42.43
N GLU A 195 6.41 -11.32 41.35
CA GLU A 195 6.95 -11.39 40.00
C GLU A 195 6.43 -10.26 39.12
N GLY A 196 7.15 -10.00 38.04
CA GLY A 196 6.73 -8.96 37.11
C GLY A 196 7.74 -7.84 36.99
N ASP A 197 7.87 -7.29 35.79
CA ASP A 197 8.80 -6.20 35.53
C ASP A 197 8.01 -4.89 35.40
N PHE A 198 7.06 -4.87 34.47
CA PHE A 198 6.20 -3.70 34.25
C PHE A 198 4.80 -4.16 33.89
N TYR A 199 3.87 -3.21 33.80
CA TYR A 199 2.52 -3.54 33.40
C TYR A 199 2.40 -3.03 31.97
N TYR A 200 2.34 -3.95 31.01
CA TYR A 200 2.25 -3.58 29.61
C TYR A 200 0.82 -3.33 29.16
N HIS A 201 0.65 -2.37 28.26
CA HIS A 201 -0.65 -2.00 27.74
C HIS A 201 -0.88 -2.74 26.42
N ALA A 202 -2.04 -3.39 26.29
CA ALA A 202 -2.38 -4.15 25.08
C ALA A 202 -2.70 -3.29 23.87
N ALA A 203 -2.92 -2.00 24.09
CA ALA A 203 -3.27 -1.10 22.99
C ALA A 203 -2.16 -0.91 21.95
N ILE A 204 -0.92 -1.19 22.34
CA ILE A 204 0.22 -1.06 21.45
C ILE A 204 1.29 -2.10 21.73
N PHE A 205 1.70 -2.82 20.70
CA PHE A 205 2.76 -3.80 20.83
C PHE A 205 3.20 -4.12 19.43
N GLY A 206 4.45 -4.54 19.25
CA GLY A 206 4.94 -4.86 17.92
C GLY A 206 6.31 -5.48 17.93
N GLY A 207 6.94 -5.49 16.76
CA GLY A 207 8.27 -6.06 16.62
C GLY A 207 8.36 -6.61 15.21
N THR A 208 9.32 -7.49 14.94
CA THR A 208 9.44 -8.10 13.62
C THR A 208 8.23 -9.03 13.42
N PRO A 209 7.83 -9.25 12.16
CA PRO A 209 6.69 -10.13 11.91
C PRO A 209 6.81 -11.47 12.63
N THR A 210 8.04 -12.02 12.67
CA THR A 210 8.30 -13.27 13.33
C THR A 210 7.98 -13.19 14.81
N GLN A 211 8.54 -12.19 15.48
CA GLN A 211 8.30 -12.01 16.90
C GLN A 211 6.83 -11.76 17.21
N VAL A 212 6.19 -10.91 16.42
CA VAL A 212 4.79 -10.62 16.66
C VAL A 212 3.97 -11.86 16.41
N LEU A 213 4.42 -12.68 15.47
CA LEU A 213 3.73 -13.94 15.17
C LEU A 213 3.79 -14.81 16.42
N ASN A 214 4.96 -14.84 17.07
CA ASN A 214 5.12 -15.64 18.27
C ASN A 214 4.36 -15.07 19.46
N ILE A 215 4.28 -13.75 19.55
CA ILE A 215 3.57 -13.08 20.64
C ILE A 215 2.08 -13.44 20.61
N THR A 216 1.48 -13.28 19.44
CA THR A 216 0.05 -13.55 19.24
C THR A 216 -0.32 -15.02 19.30
N GLN A 217 0.52 -15.88 18.73
CA GLN A 217 0.27 -17.32 18.78
C GLN A 217 0.24 -17.76 20.23
N GLU A 218 1.22 -17.31 20.99
CA GLU A 218 1.31 -17.69 22.40
C GLU A 218 0.17 -17.10 23.22
N CYS A 219 -0.21 -15.86 22.93
CA CYS A 219 -1.29 -15.28 23.69
C CYS A 219 -2.58 -16.04 23.34
N PHE A 220 -2.79 -16.36 22.06
CA PHE A 220 -4.00 -17.08 21.71
C PHE A 220 -4.06 -18.50 22.28
N LYS A 221 -2.92 -19.18 22.37
CA LYS A 221 -2.95 -20.52 22.96
C LYS A 221 -3.43 -20.32 24.40
N GLY A 222 -2.95 -19.26 25.06
CA GLY A 222 -3.35 -18.98 26.42
C GLY A 222 -4.83 -18.65 26.58
N ILE A 223 -5.37 -17.90 25.62
CA ILE A 223 -6.78 -17.54 25.66
C ILE A 223 -7.67 -18.76 25.45
N LEU A 224 -7.21 -19.65 24.55
CA LEU A 224 -7.96 -20.86 24.24
C LEU A 224 -7.97 -21.83 25.42
N LYS A 225 -6.81 -21.98 26.06
CA LYS A 225 -6.67 -22.86 27.20
C LYS A 225 -7.63 -22.45 28.35
N ASP A 226 -7.61 -21.17 28.73
CA ASP A 226 -8.50 -20.69 29.79
C ASP A 226 -9.94 -21.05 29.48
N LYS A 227 -10.32 -20.97 28.20
CA LYS A 227 -11.66 -21.30 27.77
C LYS A 227 -11.98 -22.75 28.10
N LYS A 228 -11.03 -23.64 27.82
CA LYS A 228 -11.24 -25.05 28.11
C LYS A 228 -11.34 -25.24 29.60
N ASN A 229 -10.74 -24.31 30.36
CA ASN A 229 -10.76 -24.39 31.82
C ASN A 229 -11.83 -23.51 32.45
N ASP A 230 -12.76 -23.03 31.61
CA ASP A 230 -13.87 -22.21 32.09
C ASP A 230 -13.43 -21.05 32.98
N ILE A 231 -12.52 -20.23 32.46
CA ILE A 231 -12.01 -19.07 33.18
C ILE A 231 -11.61 -18.05 32.11
N GLU A 232 -11.71 -16.77 32.43
CA GLU A 232 -11.35 -15.72 31.48
C GLU A 232 -10.45 -14.69 32.13
N ALA A 233 -9.26 -14.49 31.58
CA ALA A 233 -8.30 -13.52 32.14
C ALA A 233 -9.02 -12.23 32.52
N GLN A 234 -8.61 -11.66 33.64
CA GLN A 234 -9.21 -10.44 34.15
C GLN A 234 -9.20 -9.30 33.14
N TRP A 235 -8.08 -9.12 32.46
CA TRP A 235 -8.01 -8.06 31.48
C TRP A 235 -7.81 -8.62 30.09
N HIS A 236 -8.35 -9.82 29.91
CA HIS A 236 -8.33 -10.53 28.65
C HIS A 236 -6.97 -10.69 27.99
N ASP A 237 -6.83 -10.23 26.76
CA ASP A 237 -5.57 -10.39 26.05
C ASP A 237 -4.39 -9.62 26.65
N GLU A 238 -4.68 -8.53 27.38
CA GLU A 238 -3.62 -7.75 27.99
C GLU A 238 -2.99 -8.59 29.09
N SER A 239 -3.83 -9.33 29.83
CA SER A 239 -3.37 -10.21 30.89
C SER A 239 -2.48 -11.26 30.27
N HIS A 240 -2.92 -11.83 29.15
CA HIS A 240 -2.12 -12.84 28.48
C HIS A 240 -0.82 -12.21 27.96
N LEU A 241 -0.94 -11.03 27.34
CA LEU A 241 0.21 -10.32 26.81
C LEU A 241 1.22 -10.05 27.92
N ASN A 242 0.74 -9.67 29.11
CA ASN A 242 1.65 -9.39 30.20
C ASN A 242 2.32 -10.67 30.68
N LYS A 243 1.60 -11.79 30.62
CA LYS A 243 2.18 -13.05 31.03
C LYS A 243 3.27 -13.37 30.02
N TYR A 244 2.96 -13.16 28.74
CA TYR A 244 3.92 -13.42 27.68
C TYR A 244 5.20 -12.56 27.81
N PHE A 245 5.04 -11.24 27.93
CA PHE A 245 6.21 -10.38 28.04
C PHE A 245 7.02 -10.64 29.31
N LEU A 246 6.46 -11.43 30.22
CA LEU A 246 7.17 -11.76 31.45
C LEU A 246 8.20 -12.85 31.14
N LEU A 247 7.74 -13.88 30.43
CA LEU A 247 8.57 -15.01 30.06
C LEU A 247 9.54 -14.65 28.95
N ASN A 248 9.11 -13.78 28.03
CA ASN A 248 9.92 -13.34 26.88
C ASN A 248 10.08 -11.83 26.89
N LYS A 249 10.99 -11.32 27.72
CA LYS A 249 11.23 -9.87 27.84
C LYS A 249 11.28 -9.17 26.49
N PRO A 250 10.64 -8.00 26.38
CA PRO A 250 10.65 -7.26 25.11
C PRO A 250 12.06 -6.67 24.88
N THR A 251 12.45 -6.47 23.62
CA THR A 251 13.78 -5.90 23.35
C THR A 251 13.73 -4.38 23.39
N LYS A 252 12.52 -3.85 23.57
CA LYS A 252 12.31 -2.40 23.66
C LYS A 252 10.97 -2.09 24.28
N ILE A 253 10.95 -1.07 25.11
CA ILE A 253 9.76 -0.61 25.79
C ILE A 253 9.53 0.87 25.51
N LEU A 254 8.28 1.24 25.26
CA LEU A 254 7.93 2.62 24.98
C LEU A 254 7.39 3.26 26.26
N SER A 255 7.69 4.53 26.48
CA SER A 255 7.24 5.21 27.68
C SER A 255 5.77 5.61 27.52
N PRO A 256 5.11 6.00 28.63
CA PRO A 256 3.71 6.42 28.61
C PRO A 256 3.47 7.56 27.62
N GLU A 257 4.54 8.23 27.21
CA GLU A 257 4.42 9.34 26.28
C GLU A 257 3.93 8.84 24.92
N TYR A 258 4.06 7.54 24.68
CA TYR A 258 3.65 6.95 23.42
C TYR A 258 2.24 6.36 23.44
N CYS A 259 1.56 6.52 24.57
CA CYS A 259 0.20 6.05 24.74
C CYS A 259 -0.28 6.62 26.06
N TRP A 260 -0.57 7.91 26.03
CA TRP A 260 -0.99 8.63 27.22
C TRP A 260 -2.49 8.81 27.38
N ASP A 261 -2.95 8.85 28.63
CA ASP A 261 -4.36 9.09 28.92
C ASP A 261 -4.46 10.46 29.64
N TYR A 262 -4.90 11.47 28.91
CA TYR A 262 -5.03 12.82 29.45
C TYR A 262 -5.91 12.93 30.68
N HIS A 263 -6.80 11.96 30.88
CA HIS A 263 -7.65 11.99 32.06
C HIS A 263 -6.80 12.03 33.33
N ILE A 264 -5.55 11.60 33.22
CA ILE A 264 -4.63 11.59 34.36
C ILE A 264 -4.12 13.01 34.57
N GLY A 265 -4.21 13.81 33.51
CA GLY A 265 -3.73 15.16 33.54
C GLY A 265 -2.43 15.07 32.74
N LEU A 266 -1.45 15.89 33.04
CA LEU A 266 -0.20 15.80 32.31
C LEU A 266 0.93 16.10 33.27
N PRO A 267 1.38 15.08 34.01
CA PRO A 267 2.47 15.22 34.99
C PRO A 267 3.82 15.57 34.36
N ALA A 268 4.74 16.10 35.16
CA ALA A 268 6.06 16.49 34.69
C ALA A 268 6.76 15.49 33.78
N ASP A 269 6.66 14.20 34.10
CA ASP A 269 7.31 13.15 33.31
C ASP A 269 6.89 13.04 31.84
N ILE A 270 5.64 13.36 31.51
CA ILE A 270 5.23 13.26 30.12
C ILE A 270 5.53 14.56 29.38
N LYS A 271 6.61 14.56 28.62
CA LYS A 271 7.05 15.76 27.92
C LYS A 271 6.39 16.06 26.56
N LEU A 272 6.25 15.05 25.71
CA LEU A 272 5.63 15.23 24.39
C LEU A 272 4.81 14.01 24.01
N VAL A 273 3.51 14.08 24.25
CA VAL A 273 2.59 13.00 23.95
C VAL A 273 2.57 12.66 22.46
N LYS A 274 2.73 11.38 22.14
CA LYS A 274 2.73 10.94 20.75
C LYS A 274 1.43 10.25 20.37
N MET A 275 0.72 9.77 21.37
CA MET A 275 -0.54 9.07 21.18
C MET A 275 -1.34 9.22 22.47
N SER A 276 -2.64 9.46 22.33
CA SER A 276 -3.52 9.62 23.49
C SER A 276 -4.77 8.74 23.39
N TRP A 277 -5.27 8.35 24.55
CA TRP A 277 -6.46 7.51 24.64
C TRP A 277 -7.74 8.27 24.30
N GLN A 278 -8.69 7.56 23.69
CA GLN A 278 -9.98 8.16 23.39
C GLN A 278 -10.79 7.93 24.67
N THR A 279 -11.68 8.86 24.99
CA THR A 279 -12.52 8.70 26.16
C THR A 279 -13.38 7.47 25.95
N LYS A 280 -13.51 6.64 26.99
CA LYS A 280 -14.30 5.42 26.89
C LYS A 280 -15.78 5.72 26.66
N GLU A 281 -16.40 4.98 25.74
CA GLU A 281 -17.80 5.13 25.42
C GLU A 281 -18.44 3.73 25.33
N TYR A 282 -18.17 2.91 26.33
CA TYR A 282 -18.68 1.54 26.39
C TYR A 282 -20.18 1.40 26.16
N ASN A 283 -20.96 2.34 26.69
CA ASN A 283 -22.42 2.29 26.55
C ASN A 283 -22.86 2.29 25.10
N VAL A 284 -22.15 3.02 24.24
CA VAL A 284 -22.50 3.07 22.81
C VAL A 284 -21.84 1.99 21.95
N VAL A 285 -20.52 1.81 22.12
CA VAL A 285 -19.74 0.86 21.31
C VAL A 285 -19.73 -0.62 21.70
N ARG A 286 -20.28 -0.96 22.86
CA ARG A 286 -20.31 -2.36 23.28
C ARG A 286 -21.76 -2.79 23.48
N ASN A 287 -22.05 -4.07 23.24
CA ASN A 287 -23.41 -4.59 23.38
C ASN A 287 -23.55 -5.67 24.44
N ASN A 288 -22.58 -5.81 25.33
CA ASN A 288 -22.69 -6.85 26.35
C ASN A 288 -21.95 -6.63 27.68
N VAL A 289 -22.15 -7.60 28.57
CA VAL A 289 -21.57 -7.68 29.92
C VAL A 289 -21.40 -6.37 30.70
N LYS B 3 23.34 -4.25 -12.92
CA LYS B 3 23.52 -3.93 -14.37
C LYS B 3 22.87 -4.98 -15.25
N LEU B 4 21.61 -4.75 -15.61
CA LEU B 4 20.86 -5.68 -16.44
C LEU B 4 21.13 -5.47 -17.93
N LYS B 5 21.28 -6.58 -18.64
CA LYS B 5 21.54 -6.56 -20.07
C LYS B 5 20.29 -7.10 -20.78
N LEU B 6 19.93 -6.47 -21.89
CA LEU B 6 18.76 -6.89 -22.65
C LEU B 6 18.82 -8.37 -23.04
N SER B 7 20.04 -8.90 -23.25
CA SER B 7 20.18 -10.31 -23.63
C SER B 7 20.08 -11.25 -22.43
N ASP B 8 20.03 -10.68 -21.23
CA ASP B 8 19.93 -11.50 -20.02
C ASP B 8 18.54 -12.11 -19.93
N TRP B 9 17.56 -11.43 -20.49
CA TRP B 9 16.18 -11.88 -20.44
C TRP B 9 15.44 -11.85 -21.77
N PHE B 10 15.99 -11.17 -22.79
CA PHE B 10 15.29 -11.06 -24.07
C PHE B 10 15.91 -11.82 -25.25
N ASN B 11 15.16 -12.79 -25.76
CA ASN B 11 15.60 -13.58 -26.90
C ASN B 11 14.61 -13.37 -28.04
N PRO B 12 14.95 -12.50 -28.99
CA PRO B 12 14.05 -12.23 -30.12
C PRO B 12 13.89 -13.39 -31.08
N PHE B 13 14.81 -14.35 -31.03
CA PHE B 13 14.76 -15.48 -31.95
C PHE B 13 13.70 -16.52 -31.63
N LYS B 14 13.02 -16.36 -30.49
CA LYS B 14 11.97 -17.28 -30.11
C LYS B 14 10.66 -16.94 -30.82
N ARG B 15 10.59 -15.74 -31.40
CA ARG B 15 9.41 -15.26 -32.14
C ARG B 15 9.85 -14.65 -33.47
N PRO B 16 10.28 -15.48 -34.42
CA PRO B 16 10.74 -15.02 -35.73
C PRO B 16 9.71 -14.38 -36.64
N GLU B 17 8.46 -14.82 -36.51
CA GLU B 17 7.41 -14.31 -37.36
C GLU B 17 6.87 -12.90 -37.08
N VAL B 18 7.36 -12.24 -36.03
CA VAL B 18 6.89 -10.88 -35.71
C VAL B 18 8.04 -9.91 -35.44
N VAL B 19 7.73 -8.61 -35.40
CA VAL B 19 8.74 -7.59 -35.15
C VAL B 19 9.18 -7.66 -33.68
N THR B 20 10.42 -8.08 -33.43
CA THR B 20 10.93 -8.20 -32.07
C THR B 20 11.89 -7.09 -31.64
N MET B 21 12.42 -6.32 -32.59
CA MET B 21 13.34 -5.22 -32.26
C MET B 21 12.97 -4.02 -33.11
N THR B 22 13.25 -2.81 -32.64
CA THR B 22 12.95 -1.60 -33.42
C THR B 22 14.22 -1.07 -34.05
N LYS B 23 14.10 -0.08 -34.94
CA LYS B 23 15.28 0.52 -35.58
C LYS B 23 16.21 1.12 -34.54
N TRP B 24 15.64 1.56 -33.41
CA TRP B 24 16.45 2.17 -32.37
C TRP B 24 16.94 1.20 -31.30
N LYS B 25 16.95 -0.09 -31.63
CA LYS B 25 17.43 -1.14 -30.73
C LYS B 25 16.60 -1.41 -29.49
N ALA B 26 15.30 -1.17 -29.56
CA ALA B 26 14.42 -1.44 -28.41
C ALA B 26 13.68 -2.75 -28.68
N PRO B 27 13.36 -3.48 -27.61
CA PRO B 27 12.64 -4.76 -27.73
C PRO B 27 11.11 -4.62 -27.77
N VAL B 28 10.49 -5.50 -28.54
CA VAL B 28 9.04 -5.58 -28.61
C VAL B 28 8.82 -6.91 -27.91
N VAL B 29 8.28 -6.86 -26.70
CA VAL B 29 8.07 -8.06 -25.89
C VAL B 29 6.88 -8.94 -26.26
N TRP B 30 7.17 -10.13 -26.78
CA TRP B 30 6.16 -11.12 -27.16
C TRP B 30 6.30 -12.37 -26.29
N GLU B 31 5.18 -13.08 -26.11
CA GLU B 31 5.19 -14.30 -25.33
C GLU B 31 6.28 -15.17 -25.95
N GLY B 32 7.14 -15.75 -25.11
CA GLY B 32 8.21 -16.60 -25.62
C GLY B 32 9.58 -15.95 -25.73
N THR B 33 9.62 -14.62 -25.81
CA THR B 33 10.89 -13.91 -25.91
C THR B 33 11.51 -13.53 -24.58
N TYR B 34 10.72 -13.60 -23.51
CA TYR B 34 11.19 -13.20 -22.18
C TYR B 34 11.42 -14.31 -21.14
N ASN B 35 12.44 -14.11 -20.31
CA ASN B 35 12.79 -15.04 -19.23
C ASN B 35 12.33 -14.34 -17.93
N ARG B 36 11.09 -14.56 -17.51
CA ARG B 36 10.60 -13.87 -16.31
C ARG B 36 11.34 -14.29 -15.04
N ALA B 37 11.79 -15.53 -14.97
CA ALA B 37 12.51 -15.98 -13.80
C ALA B 37 13.78 -15.16 -13.56
N VAL B 38 14.49 -14.83 -14.63
CA VAL B 38 15.71 -14.06 -14.49
C VAL B 38 15.42 -12.67 -13.98
N LEU B 39 14.36 -12.07 -14.50
CA LEU B 39 14.01 -10.72 -14.11
C LEU B 39 13.44 -10.63 -12.69
N ASP B 40 12.62 -11.61 -12.31
CA ASP B 40 12.03 -11.64 -10.97
C ASP B 40 13.10 -11.65 -9.90
N ASN B 41 14.17 -12.42 -10.11
CA ASN B 41 15.24 -12.50 -9.14
C ASN B 41 16.04 -11.19 -9.11
N TYR B 42 16.47 -10.76 -10.28
CA TYR B 42 17.22 -9.53 -10.39
C TYR B 42 16.46 -8.38 -9.73
N TYR B 43 15.16 -8.30 -9.96
CA TYR B 43 14.35 -7.25 -9.40
C TYR B 43 14.06 -7.41 -7.92
N ALA B 44 13.90 -8.66 -7.47
CA ALA B 44 13.64 -8.93 -6.06
C ALA B 44 14.83 -8.49 -5.21
N LYS B 45 16.04 -8.79 -5.68
CA LYS B 45 17.24 -8.42 -4.95
C LYS B 45 17.37 -6.89 -4.89
N GLN B 46 16.89 -6.24 -5.94
CA GLN B 46 16.94 -4.78 -6.04
C GLN B 46 15.81 -4.16 -5.23
N LYS B 47 14.92 -5.03 -4.72
CA LYS B 47 13.78 -4.61 -3.93
C LYS B 47 13.02 -3.45 -4.57
N ILE B 48 12.24 -3.75 -5.62
CA ILE B 48 11.49 -2.70 -6.29
C ILE B 48 10.01 -2.69 -5.95
N THR B 49 9.36 -1.58 -6.26
CA THR B 49 7.92 -1.43 -6.06
C THR B 49 7.34 -0.88 -7.35
N VAL B 50 6.22 -1.45 -7.76
CA VAL B 50 5.59 -1.04 -9.00
C VAL B 50 4.25 -0.38 -8.75
N GLY B 51 4.08 0.81 -9.30
CA GLY B 51 2.83 1.52 -9.12
C GLY B 51 1.96 1.36 -10.36
N LEU B 52 0.67 1.59 -10.20
CA LEU B 52 -0.29 1.46 -11.28
C LEU B 52 -1.46 2.43 -11.07
N THR B 53 -1.57 3.44 -11.92
CA THR B 53 -2.66 4.40 -11.82
C THR B 53 -3.83 3.92 -12.67
N VAL B 54 -5.05 4.31 -12.27
CA VAL B 54 -6.27 3.95 -12.99
C VAL B 54 -7.42 4.88 -12.58
N PHE B 55 -8.12 5.42 -13.58
CA PHE B 55 -9.24 6.31 -13.33
C PHE B 55 -10.59 5.65 -13.57
N ALA B 56 -11.57 6.04 -12.78
CA ALA B 56 -12.91 5.54 -12.92
C ALA B 56 -13.80 6.70 -12.51
N VAL B 57 -14.24 7.46 -13.51
CA VAL B 57 -15.12 8.61 -13.31
C VAL B 57 -16.47 8.24 -13.90
N GLY B 58 -17.55 8.55 -13.16
CA GLY B 58 -18.89 8.24 -13.64
C GLY B 58 -19.28 6.77 -13.62
N ARG B 59 -20.05 6.37 -14.62
CA ARG B 59 -20.52 4.99 -14.75
C ARG B 59 -19.39 3.98 -14.92
N TYR B 60 -18.22 4.46 -15.34
CA TYR B 60 -17.06 3.60 -15.54
C TYR B 60 -16.71 2.89 -14.24
N ILE B 61 -17.13 3.49 -13.12
CA ILE B 61 -16.86 2.91 -11.80
C ILE B 61 -17.56 1.57 -11.59
N GLU B 62 -18.89 1.58 -11.60
CA GLU B 62 -19.69 0.37 -11.41
C GLU B 62 -19.42 -0.65 -12.52
N HIS B 63 -19.21 -0.16 -13.74
CA HIS B 63 -18.96 -1.05 -14.87
C HIS B 63 -17.62 -1.76 -14.88
N TYR B 64 -16.53 -1.01 -14.69
CA TYR B 64 -15.22 -1.62 -14.81
C TYR B 64 -14.23 -1.66 -13.65
N LEU B 65 -14.29 -0.72 -12.72
CA LEU B 65 -13.30 -0.68 -11.64
C LEU B 65 -13.07 -1.97 -10.86
N GLU B 66 -14.13 -2.69 -10.53
CA GLU B 66 -13.93 -3.91 -9.76
C GLU B 66 -13.28 -5.00 -10.56
N GLU B 67 -13.67 -5.15 -11.83
CA GLU B 67 -13.09 -6.19 -12.66
C GLU B 67 -11.62 -5.93 -12.87
N PHE B 68 -11.31 -4.66 -13.14
CA PHE B 68 -9.95 -4.28 -13.37
C PHE B 68 -9.08 -4.58 -12.14
N LEU B 69 -9.50 -4.10 -10.97
CA LEU B 69 -8.72 -4.30 -9.76
C LEU B 69 -8.60 -5.75 -9.35
N THR B 70 -9.68 -6.51 -9.44
CA THR B 70 -9.65 -7.94 -9.06
C THR B 70 -8.63 -8.67 -9.91
N SER B 71 -8.68 -8.43 -11.22
CA SER B 71 -7.78 -9.10 -12.14
C SER B 71 -6.34 -8.59 -12.00
N ALA B 72 -6.18 -7.31 -11.69
CA ALA B 72 -4.84 -6.75 -11.53
C ALA B 72 -4.19 -7.36 -10.28
N ASN B 73 -4.99 -7.51 -9.23
CA ASN B 73 -4.53 -8.08 -7.97
C ASN B 73 -3.97 -9.47 -8.18
N LYS B 74 -4.56 -10.17 -9.14
CA LYS B 74 -4.19 -11.54 -9.44
C LYS B 74 -3.06 -11.75 -10.46
N HIS B 75 -2.94 -10.84 -11.42
CA HIS B 75 -1.95 -10.98 -12.49
C HIS B 75 -0.83 -9.96 -12.62
N PHE B 76 -1.04 -8.75 -12.13
CA PHE B 76 -0.08 -7.67 -12.26
C PHE B 76 1.19 -7.69 -11.40
N MET B 77 2.34 -7.78 -12.06
CA MET B 77 3.62 -7.74 -11.36
C MET B 77 3.71 -8.70 -10.16
N VAL B 78 3.08 -9.86 -10.28
CA VAL B 78 3.08 -10.83 -9.18
C VAL B 78 4.47 -11.14 -8.61
N GLY B 79 4.55 -11.22 -7.29
CA GLY B 79 5.81 -11.51 -6.63
C GLY B 79 6.56 -10.30 -6.13
N HIS B 80 6.08 -9.10 -6.47
CA HIS B 80 6.72 -7.86 -6.05
C HIS B 80 5.75 -6.87 -5.40
N PRO B 81 6.27 -5.96 -4.56
CA PRO B 81 5.40 -4.97 -3.92
C PRO B 81 4.72 -4.15 -5.01
N VAL B 82 3.41 -4.02 -4.91
CA VAL B 82 2.63 -3.27 -5.89
C VAL B 82 1.72 -2.29 -5.18
N ILE B 83 1.55 -1.09 -5.73
CA ILE B 83 0.66 -0.11 -5.14
C ILE B 83 -0.32 0.38 -6.21
N PHE B 84 -1.60 0.12 -6.02
CA PHE B 84 -2.60 0.57 -6.99
C PHE B 84 -3.10 1.98 -6.61
N TYR B 85 -3.10 2.89 -7.57
CA TYR B 85 -3.56 4.25 -7.31
C TYR B 85 -4.91 4.45 -8.03
N ILE B 86 -6.00 4.42 -7.25
CA ILE B 86 -7.34 4.56 -7.77
C ILE B 86 -7.83 6.00 -7.77
N MET B 87 -8.22 6.49 -8.94
CA MET B 87 -8.73 7.86 -9.09
C MET B 87 -10.21 7.84 -9.52
N VAL B 88 -11.10 8.26 -8.62
CA VAL B 88 -12.53 8.30 -8.92
C VAL B 88 -13.14 9.63 -8.50
N ASP B 89 -14.30 9.95 -9.06
CA ASP B 89 -14.94 11.21 -8.72
C ASP B 89 -15.92 11.02 -7.56
N ASP B 90 -16.08 9.78 -7.12
CA ASP B 90 -16.97 9.47 -6.02
C ASP B 90 -16.43 8.25 -5.26
N VAL B 91 -15.73 8.48 -4.15
CA VAL B 91 -15.16 7.38 -3.38
C VAL B 91 -16.17 6.46 -2.68
N SER B 92 -17.42 6.89 -2.60
CA SER B 92 -18.40 6.04 -1.95
C SER B 92 -18.83 4.94 -2.92
N ARG B 93 -18.46 5.09 -4.19
CA ARG B 93 -18.80 4.12 -5.22
C ARG B 93 -17.62 3.17 -5.46
N MET B 94 -16.46 3.57 -4.97
CA MET B 94 -15.22 2.80 -5.07
C MET B 94 -15.39 1.45 -4.35
N PRO B 95 -15.38 0.34 -5.10
CA PRO B 95 -15.53 -1.00 -4.50
C PRO B 95 -14.24 -1.54 -3.88
N LEU B 96 -14.29 -1.89 -2.61
CA LEU B 96 -13.12 -2.43 -1.92
C LEU B 96 -13.10 -3.95 -2.04
N ILE B 97 -12.13 -4.44 -2.80
CA ILE B 97 -11.98 -5.87 -3.01
C ILE B 97 -10.89 -6.32 -2.05
N GLU B 98 -10.74 -7.63 -1.87
CA GLU B 98 -9.70 -8.12 -1.00
C GLU B 98 -8.42 -8.09 -1.83
N LEU B 99 -7.30 -7.76 -1.20
CA LEU B 99 -6.02 -7.71 -1.92
C LEU B 99 -5.10 -8.82 -1.45
N GLY B 100 -4.34 -9.39 -2.37
CA GLY B 100 -3.44 -10.47 -2.02
C GLY B 100 -2.10 -10.00 -1.47
N PRO B 101 -1.16 -10.92 -1.26
CA PRO B 101 0.17 -10.59 -0.74
C PRO B 101 0.88 -9.59 -1.65
N LEU B 102 1.62 -8.67 -1.04
CA LEU B 102 2.39 -7.67 -1.75
C LEU B 102 1.62 -6.63 -2.58
N ARG B 103 0.34 -6.46 -2.32
CA ARG B 103 -0.45 -5.43 -3.01
C ARG B 103 -1.15 -4.55 -1.96
N SER B 104 -1.40 -3.31 -2.31
CA SER B 104 -2.09 -2.37 -1.43
C SER B 104 -2.46 -1.21 -2.33
N PHE B 105 -3.21 -0.26 -1.81
CA PHE B 105 -3.58 0.88 -2.64
C PHE B 105 -4.04 2.07 -1.84
N LYS B 106 -4.37 3.13 -2.57
CA LYS B 106 -4.91 4.34 -1.99
C LYS B 106 -5.76 5.05 -3.01
N VAL B 107 -6.92 5.54 -2.56
CA VAL B 107 -7.86 6.21 -3.44
C VAL B 107 -7.83 7.71 -3.28
N PHE B 108 -7.99 8.42 -4.38
CA PHE B 108 -8.04 9.87 -4.34
C PHE B 108 -9.35 10.27 -5.01
N LYS B 109 -9.97 11.35 -4.53
CA LYS B 109 -11.20 11.82 -5.14
C LYS B 109 -10.77 12.89 -6.14
N ILE B 110 -11.25 12.79 -7.38
CA ILE B 110 -10.92 13.79 -8.39
C ILE B 110 -12.16 14.45 -8.94
N LYS B 111 -11.95 15.57 -9.63
CA LYS B 111 -13.03 16.33 -10.24
C LYS B 111 -13.55 15.65 -11.51
N PRO B 112 -14.87 15.56 -11.65
CA PRO B 112 -15.39 14.93 -12.86
C PRO B 112 -15.55 15.99 -13.95
N GLU B 113 -14.83 15.83 -15.06
CA GLU B 113 -14.92 16.77 -16.18
C GLU B 113 -16.28 16.53 -16.88
N LYS B 114 -16.82 17.58 -17.50
CA LYS B 114 -18.11 17.48 -18.17
C LYS B 114 -18.10 16.55 -19.39
N ARG B 115 -17.13 16.75 -20.28
CA ARG B 115 -17.02 15.92 -21.48
C ARG B 115 -16.17 14.70 -21.21
N TRP B 116 -16.51 13.55 -21.81
CA TRP B 116 -15.72 12.35 -21.57
C TRP B 116 -14.34 12.49 -22.20
N GLN B 117 -14.24 13.32 -23.23
CA GLN B 117 -12.95 13.56 -23.89
C GLN B 117 -11.99 14.23 -22.92
N ASP B 118 -12.49 15.20 -22.16
CA ASP B 118 -11.65 15.90 -21.18
C ASP B 118 -11.32 15.02 -19.99
N ILE B 119 -12.22 14.09 -19.66
CA ILE B 119 -11.99 13.17 -18.55
C ILE B 119 -10.80 12.32 -18.97
N SER B 120 -10.86 11.82 -20.20
CA SER B 120 -9.79 10.99 -20.71
C SER B 120 -8.48 11.76 -20.83
N MET B 121 -8.55 12.99 -21.34
CA MET B 121 -7.33 13.80 -21.51
C MET B 121 -6.73 14.41 -20.25
N MET B 122 -7.59 14.81 -19.31
CA MET B 122 -7.15 15.42 -18.07
C MET B 122 -6.29 14.49 -17.22
N ARG B 123 -6.42 13.18 -17.43
CA ARG B 123 -5.61 12.20 -16.69
C ARG B 123 -4.14 12.56 -16.74
N MET B 124 -3.71 13.07 -17.89
CA MET B 124 -2.33 13.47 -18.09
C MET B 124 -1.90 14.56 -17.11
N LYS B 125 -2.81 15.46 -16.78
CA LYS B 125 -2.50 16.52 -15.84
C LYS B 125 -2.44 15.89 -14.44
N THR B 126 -3.50 15.19 -14.09
CA THR B 126 -3.58 14.55 -12.79
C THR B 126 -2.49 13.54 -12.48
N ILE B 127 -2.13 12.71 -13.44
CA ILE B 127 -1.09 11.72 -13.22
C ILE B 127 0.22 12.42 -12.82
N GLY B 128 0.58 13.45 -13.58
CA GLY B 128 1.81 14.17 -13.32
C GLY B 128 1.85 14.82 -11.96
N GLU B 129 0.72 15.38 -11.53
CA GLU B 129 0.69 16.04 -10.24
C GLU B 129 0.95 15.02 -9.12
N HIS B 130 0.42 13.80 -9.26
CA HIS B 130 0.62 12.76 -8.25
C HIS B 130 2.03 12.19 -8.25
N ILE B 131 2.65 12.16 -9.42
CA ILE B 131 4.01 11.64 -9.51
C ILE B 131 4.94 12.53 -8.71
N VAL B 132 4.73 13.84 -8.81
CA VAL B 132 5.55 14.82 -8.11
C VAL B 132 5.22 14.80 -6.62
N ALA B 133 3.92 14.80 -6.32
CA ALA B 133 3.44 14.81 -4.94
C ALA B 133 3.82 13.56 -4.13
N HIS B 134 3.80 12.38 -4.75
CA HIS B 134 4.12 11.19 -3.99
C HIS B 134 4.60 9.96 -4.75
N ILE B 135 3.99 9.65 -5.89
CA ILE B 135 4.37 8.45 -6.64
C ILE B 135 5.88 8.31 -6.90
N GLN B 136 6.57 9.44 -7.08
CA GLN B 136 8.00 9.45 -7.34
C GLN B 136 8.82 8.93 -6.15
N HIS B 137 8.26 9.02 -4.94
CA HIS B 137 8.95 8.57 -3.72
C HIS B 137 8.48 7.19 -3.29
N GLU B 138 7.53 6.65 -4.02
CA GLU B 138 6.98 5.35 -3.64
C GLU B 138 7.29 4.17 -4.53
N VAL B 139 7.58 4.43 -5.80
CA VAL B 139 7.84 3.32 -6.71
C VAL B 139 9.01 3.54 -7.67
N ASP B 140 9.50 2.43 -8.21
CA ASP B 140 10.61 2.43 -9.14
C ASP B 140 10.10 2.50 -10.58
N PHE B 141 8.94 1.90 -10.82
CA PHE B 141 8.32 1.90 -12.14
C PHE B 141 6.84 2.17 -11.97
N LEU B 142 6.22 2.74 -12.99
CA LEU B 142 4.81 3.06 -12.91
C LEU B 142 4.10 2.79 -14.23
N PHE B 143 2.88 2.27 -14.13
CA PHE B 143 2.07 2.01 -15.31
C PHE B 143 0.74 2.75 -15.17
N CYS B 144 0.28 3.38 -16.24
CA CYS B 144 -0.99 4.11 -16.23
C CYS B 144 -1.91 3.39 -17.22
N MET B 145 -3.10 3.01 -16.80
CA MET B 145 -3.97 2.25 -17.69
C MET B 145 -5.44 2.65 -17.71
N ASP B 146 -6.11 2.29 -18.81
CA ASP B 146 -7.54 2.53 -18.96
C ASP B 146 -8.18 1.56 -17.96
N VAL B 147 -9.42 1.82 -17.57
CA VAL B 147 -10.09 0.94 -16.63
C VAL B 147 -10.95 -0.09 -17.39
N ASP B 148 -11.37 0.25 -18.61
CA ASP B 148 -12.22 -0.63 -19.41
C ASP B 148 -11.47 -1.83 -20.04
N GLN B 149 -10.76 -2.59 -19.21
CA GLN B 149 -9.99 -3.74 -19.65
C GLN B 149 -9.70 -4.68 -18.48
N VAL B 150 -9.37 -5.93 -18.79
CA VAL B 150 -9.15 -6.92 -17.76
C VAL B 150 -7.89 -7.76 -17.98
N PHE B 151 -7.12 -8.00 -16.91
CA PHE B 151 -5.91 -8.83 -16.99
C PHE B 151 -6.40 -10.27 -17.14
N GLN B 152 -5.71 -11.05 -17.97
CA GLN B 152 -6.10 -12.45 -18.19
C GLN B 152 -5.00 -13.41 -17.77
N ASP B 153 -3.78 -12.92 -17.65
CA ASP B 153 -2.67 -13.75 -17.25
C ASP B 153 -1.53 -12.89 -16.72
N LYS B 154 -0.42 -13.51 -16.36
CA LYS B 154 0.73 -12.79 -15.83
C LYS B 154 1.17 -11.60 -16.67
N PHE B 155 1.32 -10.46 -16.00
CA PHE B 155 1.76 -9.22 -16.60
C PHE B 155 2.88 -8.84 -15.65
N GLY B 156 4.06 -9.42 -15.88
CA GLY B 156 5.18 -9.21 -14.98
C GLY B 156 6.28 -8.21 -15.26
N VAL B 157 7.40 -8.43 -14.57
CA VAL B 157 8.57 -7.55 -14.65
C VAL B 157 9.22 -7.48 -16.03
N GLU B 158 8.82 -8.37 -16.93
CA GLU B 158 9.37 -8.33 -18.27
C GLU B 158 8.85 -7.11 -19.04
N THR B 159 7.85 -6.41 -18.48
CA THR B 159 7.29 -5.24 -19.16
C THR B 159 7.83 -3.93 -18.59
N LEU B 160 8.71 -4.03 -17.58
CA LEU B 160 9.29 -2.84 -16.95
C LEU B 160 10.40 -2.17 -17.77
N GLY B 161 10.54 -0.85 -17.62
CA GLY B 161 11.57 -0.13 -18.36
C GLY B 161 11.45 1.39 -18.27
N GLU B 162 12.49 2.08 -18.72
CA GLU B 162 12.51 3.54 -18.70
C GLU B 162 11.18 4.14 -19.14
N SER B 163 10.78 3.80 -20.36
CA SER B 163 9.52 4.26 -20.94
C SER B 163 8.97 3.11 -21.79
N VAL B 164 7.77 2.69 -21.44
CA VAL B 164 7.12 1.57 -22.09
C VAL B 164 5.86 2.00 -22.80
N ALA B 165 5.68 1.48 -24.01
CA ALA B 165 4.51 1.80 -24.82
C ALA B 165 3.82 0.49 -25.16
N GLN B 166 2.56 0.58 -25.56
CA GLN B 166 1.78 -0.59 -25.92
C GLN B 166 1.33 -0.49 -27.38
N LEU B 167 1.52 -1.57 -28.13
CA LEU B 167 1.10 -1.61 -29.54
C LEU B 167 -0.41 -1.89 -29.61
N GLN B 168 -1.16 -0.95 -30.19
CA GLN B 168 -2.60 -1.09 -30.32
C GLN B 168 -2.96 -2.31 -31.18
N ALA B 169 -3.76 -3.21 -30.61
CA ALA B 169 -4.16 -4.47 -31.24
C ALA B 169 -4.59 -4.48 -32.71
N TRP B 170 -5.39 -3.51 -33.14
CA TRP B 170 -5.85 -3.50 -34.51
C TRP B 170 -4.86 -2.99 -35.55
N TRP B 171 -3.76 -2.38 -35.13
CA TRP B 171 -2.83 -1.83 -36.12
C TRP B 171 -1.38 -2.29 -36.09
N TYR B 172 -1.04 -3.24 -35.23
CA TYR B 172 0.34 -3.66 -35.14
C TYR B 172 0.95 -4.14 -36.46
N LYS B 173 0.12 -4.58 -37.40
CA LYS B 173 0.58 -5.05 -38.71
C LYS B 173 0.41 -4.00 -39.81
N ALA B 174 -0.20 -2.86 -39.49
CA ALA B 174 -0.46 -1.80 -40.46
C ALA B 174 0.73 -0.98 -40.91
N ASP B 175 0.58 -0.37 -42.10
CA ASP B 175 1.60 0.51 -42.67
C ASP B 175 1.34 1.83 -41.95
N PRO B 176 2.38 2.44 -41.34
CA PRO B 176 2.19 3.71 -40.64
C PRO B 176 1.35 4.76 -41.35
N ASN B 177 1.36 4.74 -42.67
CA ASN B 177 0.57 5.71 -43.44
C ASN B 177 -0.93 5.42 -43.40
N ASP B 178 -1.31 4.36 -42.71
CA ASP B 178 -2.71 4.00 -42.57
C ASP B 178 -3.15 4.17 -41.11
N PHE B 179 -2.20 4.51 -40.25
CA PHE B 179 -2.46 4.74 -38.82
C PHE B 179 -3.42 5.91 -38.59
N THR B 180 -4.20 5.82 -37.51
CA THR B 180 -5.12 6.90 -37.19
C THR B 180 -4.43 7.97 -36.33
N TYR B 181 -3.36 8.57 -36.87
CA TYR B 181 -2.64 9.66 -36.22
C TYR B 181 -3.45 10.92 -36.56
N GLU B 182 -3.27 11.97 -35.79
CA GLU B 182 -3.94 13.22 -36.08
C GLU B 182 -3.18 13.70 -37.32
N ARG B 183 -3.89 13.94 -38.43
CA ARG B 183 -3.24 14.38 -39.68
C ARG B 183 -3.38 15.89 -40.00
N ARG B 184 -3.91 16.66 -39.07
CA ARG B 184 -4.06 18.10 -39.26
C ARG B 184 -2.86 18.83 -38.64
N LYS B 185 -2.07 19.51 -39.46
CA LYS B 185 -0.89 20.21 -38.97
C LYS B 185 -1.21 21.31 -37.95
N GLU B 186 -2.46 21.73 -37.87
CA GLU B 186 -2.85 22.74 -36.90
C GLU B 186 -2.84 22.16 -35.47
N SER B 187 -2.90 20.84 -35.37
CA SER B 187 -2.89 20.19 -34.05
C SER B 187 -1.45 19.93 -33.62
N ALA B 188 -1.22 19.97 -32.32
CA ALA B 188 0.11 19.72 -31.78
C ALA B 188 0.48 18.25 -31.86
N ALA B 189 -0.53 17.41 -32.07
CA ALA B 189 -0.33 15.96 -32.15
C ALA B 189 -0.02 15.49 -33.57
N TYR B 190 -0.05 16.42 -34.50
CA TYR B 190 0.21 16.14 -35.91
C TYR B 190 1.42 15.26 -36.21
N ILE B 191 1.18 14.29 -37.08
CA ILE B 191 2.22 13.41 -37.57
C ILE B 191 1.89 13.27 -39.04
N PRO B 192 2.73 13.83 -39.92
CA PRO B 192 2.56 13.80 -41.37
C PRO B 192 2.76 12.43 -41.99
N PHE B 193 2.16 12.19 -43.15
CA PHE B 193 2.35 10.91 -43.83
C PHE B 193 3.83 10.81 -44.17
N GLY B 194 4.40 9.61 -44.02
CA GLY B 194 5.81 9.45 -44.28
C GLY B 194 6.58 9.39 -42.97
N GLU B 195 5.86 9.59 -41.86
CA GLU B 195 6.47 9.52 -40.55
C GLU B 195 5.69 8.57 -39.66
N GLY B 196 6.36 7.98 -38.69
CA GLY B 196 5.67 7.07 -37.78
C GLY B 196 6.34 5.72 -37.73
N ASP B 197 6.44 5.16 -36.53
CA ASP B 197 7.04 3.85 -36.36
C ASP B 197 5.95 2.81 -36.11
N PHE B 198 5.13 3.06 -35.09
CA PHE B 198 4.04 2.16 -34.72
C PHE B 198 2.92 3.04 -34.22
N TYR B 199 1.73 2.43 -34.09
CA TYR B 199 0.59 3.14 -33.54
C TYR B 199 0.37 2.65 -32.12
N TYR B 200 0.74 3.47 -31.14
CA TYR B 200 0.62 3.11 -29.73
C TYR B 200 -0.78 3.26 -29.14
N HIS B 201 -1.12 2.41 -28.18
CA HIS B 201 -2.44 2.45 -27.54
C HIS B 201 -2.33 3.24 -26.23
N ALA B 202 -3.25 4.16 -26.00
CA ALA B 202 -3.22 4.98 -24.80
C ALA B 202 -3.81 4.25 -23.61
N ALA B 203 -4.25 3.01 -23.82
CA ALA B 203 -4.83 2.21 -22.75
C ALA B 203 -3.76 1.73 -21.76
N ILE B 204 -2.51 1.64 -22.24
CA ILE B 204 -1.36 1.20 -21.42
C ILE B 204 -0.06 1.89 -21.80
N PHE B 205 0.61 2.48 -20.82
CA PHE B 205 1.92 3.10 -21.01
C PHE B 205 2.55 3.28 -19.64
N GLY B 206 3.88 3.31 -19.60
CA GLY B 206 4.55 3.46 -18.33
C GLY B 206 6.04 3.67 -18.40
N GLY B 207 6.69 3.48 -17.25
CA GLY B 207 8.13 3.64 -17.15
C GLY B 207 8.50 4.10 -15.76
N THR B 208 9.67 4.70 -15.61
CA THR B 208 10.08 5.21 -14.32
C THR B 208 9.29 6.48 -14.07
N PRO B 209 9.13 6.88 -12.79
CA PRO B 209 8.39 8.09 -12.46
C PRO B 209 8.86 9.33 -13.24
N THR B 210 10.16 9.43 -13.48
CA THR B 210 10.71 10.57 -14.21
C THR B 210 10.24 10.60 -15.66
N GLN B 211 10.32 9.46 -16.33
CA GLN B 211 9.89 9.36 -17.73
C GLN B 211 8.38 9.57 -17.89
N VAL B 212 7.61 8.97 -16.99
CA VAL B 212 6.16 9.08 -17.05
C VAL B 212 5.73 10.52 -16.81
N LEU B 213 6.50 11.27 -16.01
CA LEU B 213 6.18 12.67 -15.75
C LEU B 213 6.37 13.44 -17.05
N ASN B 214 7.46 13.15 -17.77
CA ASN B 214 7.72 13.85 -19.01
C ASN B 214 6.69 13.50 -20.08
N ILE B 215 6.26 12.24 -20.11
CA ILE B 215 5.25 11.81 -21.07
C ILE B 215 3.95 12.60 -20.84
N THR B 216 3.47 12.58 -19.61
CA THR B 216 2.22 13.25 -19.25
C THR B 216 2.29 14.77 -19.32
N GLN B 217 3.41 15.35 -18.91
CA GLN B 217 3.57 16.80 -18.97
C GLN B 217 3.54 17.26 -20.42
N GLU B 218 4.29 16.56 -21.27
CA GLU B 218 4.35 16.88 -22.68
C GLU B 218 3.01 16.70 -23.38
N CYS B 219 2.35 15.59 -23.11
CA CYS B 219 1.05 15.35 -23.74
C CYS B 219 0.06 16.43 -23.32
N PHE B 220 0.06 16.80 -22.03
CA PHE B 220 -0.87 17.82 -21.57
C PHE B 220 -0.56 19.21 -22.12
N LYS B 221 0.73 19.53 -22.31
CA LYS B 221 1.09 20.83 -22.87
C LYS B 221 0.47 20.90 -24.27
N GLY B 222 0.52 19.78 -24.98
CA GLY B 222 -0.03 19.70 -26.33
C GLY B 222 -1.55 19.72 -26.32
N ILE B 223 -2.13 19.08 -25.33
CA ILE B 223 -3.57 19.05 -25.20
C ILE B 223 -4.08 20.47 -24.95
N LEU B 224 -3.36 21.22 -24.11
CA LEU B 224 -3.73 22.60 -23.81
C LEU B 224 -3.52 23.53 -25.00
N LYS B 225 -2.43 23.32 -25.72
CA LYS B 225 -2.11 24.12 -26.89
C LYS B 225 -3.21 23.95 -27.95
N ASP B 226 -3.70 22.74 -28.14
CA ASP B 226 -4.75 22.52 -29.12
C ASP B 226 -6.00 23.31 -28.73
N LYS B 227 -6.29 23.37 -27.44
CA LYS B 227 -7.45 24.11 -26.96
C LYS B 227 -7.29 25.59 -27.30
N LYS B 228 -6.12 26.16 -27.08
CA LYS B 228 -5.91 27.56 -27.40
C LYS B 228 -6.11 27.80 -28.90
N ASN B 229 -5.87 26.77 -29.70
CA ASN B 229 -6.02 26.88 -31.14
C ASN B 229 -7.33 26.29 -31.64
N ASP B 230 -8.28 26.21 -30.73
CA ASP B 230 -9.60 25.69 -31.02
C ASP B 230 -9.62 24.45 -31.91
N ILE B 231 -8.89 23.43 -31.47
CA ILE B 231 -8.84 22.17 -32.19
C ILE B 231 -8.67 21.06 -31.16
N GLU B 232 -9.07 19.86 -31.50
CA GLU B 232 -8.96 18.73 -30.59
C GLU B 232 -8.51 17.52 -31.39
N ALA B 233 -7.44 16.86 -30.94
CA ALA B 233 -6.90 15.69 -31.63
C ALA B 233 -8.00 14.66 -31.90
N GLN B 234 -7.92 13.98 -33.03
CA GLN B 234 -8.93 12.99 -33.40
C GLN B 234 -9.10 11.89 -32.37
N TRP B 235 -8.00 11.46 -31.77
CA TRP B 235 -8.09 10.42 -30.76
C TRP B 235 -7.59 10.91 -29.40
N HIS B 236 -7.74 12.21 -29.20
CA HIS B 236 -7.39 12.86 -27.95
C HIS B 236 -6.02 12.57 -27.38
N ASP B 237 -5.97 12.13 -26.12
CA ASP B 237 -4.68 11.85 -25.47
C ASP B 237 -3.85 10.80 -26.18
N GLU B 238 -4.50 9.90 -26.92
CA GLU B 238 -3.78 8.86 -27.65
C GLU B 238 -3.04 9.46 -28.83
N SER B 239 -3.66 10.47 -29.45
CA SER B 239 -3.04 11.12 -30.59
C SER B 239 -1.79 11.83 -30.08
N HIS B 240 -1.92 12.48 -28.93
CA HIS B 240 -0.77 13.18 -28.35
C HIS B 240 0.28 12.20 -27.87
N LEU B 241 -0.16 11.07 -27.32
CA LEU B 241 0.79 10.08 -26.84
C LEU B 241 1.64 9.61 -28.02
N ASN B 242 0.98 9.32 -29.15
CA ASN B 242 1.70 8.88 -30.34
C ASN B 242 2.69 9.92 -30.85
N LYS B 243 2.34 11.19 -30.78
CA LYS B 243 3.25 12.24 -31.21
C LYS B 243 4.47 12.25 -30.30
N TYR B 244 4.24 12.09 -29.01
CA TYR B 244 5.32 12.06 -28.05
C TYR B 244 6.27 10.90 -28.36
N PHE B 245 5.72 9.68 -28.43
CA PHE B 245 6.55 8.51 -28.72
C PHE B 245 7.28 8.57 -30.05
N LEU B 246 6.86 9.47 -30.94
CA LEU B 246 7.54 9.62 -32.22
C LEU B 246 8.83 10.39 -31.96
N LEU B 247 8.74 11.40 -31.10
CA LEU B 247 9.90 12.22 -30.75
C LEU B 247 10.78 11.51 -29.73
N ASN B 248 10.16 10.97 -28.69
CA ASN B 248 10.87 10.26 -27.62
C ASN B 248 10.49 8.79 -27.71
N LYS B 249 11.25 8.06 -28.52
CA LYS B 249 11.02 6.65 -28.76
C LYS B 249 11.08 5.82 -27.50
N PRO B 250 10.07 4.99 -27.26
CA PRO B 250 10.06 4.15 -26.06
C PRO B 250 11.23 3.16 -26.03
N THR B 251 11.80 2.95 -24.84
CA THR B 251 12.93 2.04 -24.68
C THR B 251 12.44 0.60 -24.66
N LYS B 252 11.12 0.43 -24.66
CA LYS B 252 10.50 -0.89 -24.66
C LYS B 252 9.03 -0.83 -25.10
N ILE B 253 8.64 -1.81 -25.91
CA ILE B 253 7.29 -1.92 -26.43
C ILE B 253 6.70 -3.29 -26.12
N LEU B 254 5.41 -3.31 -25.79
CA LEU B 254 4.74 -4.56 -25.49
C LEU B 254 3.92 -4.97 -26.70
N SER B 255 3.91 -6.27 -27.00
CA SER B 255 3.15 -6.77 -28.14
C SER B 255 1.65 -6.66 -27.87
N PRO B 256 0.83 -6.81 -28.93
CA PRO B 256 -0.62 -6.72 -28.74
C PRO B 256 -1.13 -7.78 -27.77
N GLU B 257 -0.27 -8.74 -27.42
CA GLU B 257 -0.68 -9.79 -26.48
C GLU B 257 -0.91 -9.21 -25.07
N TYR B 258 -0.40 -8.00 -24.85
CA TYR B 258 -0.55 -7.34 -23.56
C TYR B 258 -1.73 -6.38 -23.49
N CYS B 259 -2.55 -6.39 -24.53
CA CYS B 259 -3.75 -5.54 -24.57
C CYS B 259 -4.46 -5.94 -25.84
N TRP B 260 -5.04 -7.13 -25.79
CA TRP B 260 -5.72 -7.70 -26.94
C TRP B 260 -7.23 -7.48 -26.99
N ASP B 261 -7.76 -7.20 -28.18
CA ASP B 261 -9.20 -7.04 -28.34
C ASP B 261 -9.80 -8.28 -29.02
N TYR B 262 -10.36 -9.20 -28.22
CA TYR B 262 -10.97 -10.44 -28.73
C TYR B 262 -11.98 -10.23 -29.85
N HIS B 263 -12.40 -8.99 -30.08
CA HIS B 263 -13.35 -8.74 -31.16
C HIS B 263 -12.66 -8.97 -32.51
N ILE B 264 -11.34 -9.07 -32.49
CA ILE B 264 -10.56 -9.32 -33.70
C ILE B 264 -10.52 -10.81 -33.90
N GLY B 265 -10.74 -11.53 -32.80
CA GLY B 265 -10.65 -12.97 -32.82
C GLY B 265 -9.35 -13.27 -32.10
N LEU B 266 -8.67 -14.33 -32.52
CA LEU B 266 -7.42 -14.71 -31.90
C LEU B 266 -6.55 -15.38 -32.96
N PRO B 267 -5.74 -14.58 -33.67
CA PRO B 267 -4.82 -15.00 -34.74
C PRO B 267 -3.65 -15.80 -34.19
N ALA B 268 -2.84 -16.34 -35.10
CA ALA B 268 -1.67 -17.13 -34.72
C ALA B 268 -0.60 -16.33 -33.97
N ASP B 269 -0.53 -15.03 -34.23
CA ASP B 269 0.45 -14.19 -33.56
C ASP B 269 0.24 -14.03 -32.05
N ILE B 270 -1.01 -13.98 -31.61
CA ILE B 270 -1.30 -13.80 -30.18
C ILE B 270 -1.28 -15.13 -29.42
N LYS B 271 -0.12 -15.50 -28.90
CA LYS B 271 0.06 -16.76 -28.17
C LYS B 271 -0.58 -16.85 -26.78
N LEU B 272 -0.42 -15.82 -25.96
CA LEU B 272 -0.98 -15.84 -24.60
C LEU B 272 -1.39 -14.43 -24.17
N VAL B 273 -2.70 -14.21 -24.07
CA VAL B 273 -3.25 -12.90 -23.72
C VAL B 273 -3.08 -12.55 -22.24
N LYS B 274 -2.40 -11.43 -21.98
CA LYS B 274 -2.17 -10.97 -20.61
C LYS B 274 -3.24 -9.96 -20.19
N MET B 275 -3.84 -9.33 -21.19
CA MET B 275 -4.87 -8.31 -20.93
C MET B 275 -5.82 -8.24 -22.12
N SER B 276 -7.11 -8.04 -21.83
CA SER B 276 -8.11 -7.94 -22.88
C SER B 276 -9.01 -6.70 -22.71
N TRP B 277 -9.49 -6.16 -23.83
CA TRP B 277 -10.38 -5.00 -23.82
C TRP B 277 -11.80 -5.40 -23.41
N GLN B 278 -12.49 -4.50 -22.71
CA GLN B 278 -13.88 -4.73 -22.35
C GLN B 278 -14.63 -4.21 -23.56
N THR B 279 -15.73 -4.87 -23.91
CA THR B 279 -16.53 -4.45 -25.05
C THR B 279 -17.00 -3.02 -24.81
N LYS B 280 -16.93 -2.20 -25.85
CA LYS B 280 -17.34 -0.80 -25.74
C LYS B 280 -18.83 -0.67 -25.37
N GLU B 281 -19.13 0.33 -24.54
CA GLU B 281 -20.50 0.55 -24.12
C GLU B 281 -20.74 2.05 -24.01
N TYR B 282 -20.28 2.77 -25.01
CA TYR B 282 -20.40 4.22 -25.03
C TYR B 282 -21.82 4.69 -24.75
N ASN B 283 -22.80 4.01 -25.32
CA ASN B 283 -24.21 4.36 -25.12
C ASN B 283 -24.63 4.37 -23.65
N VAL B 284 -24.02 3.50 -22.84
CA VAL B 284 -24.37 3.45 -21.43
C VAL B 284 -23.45 4.22 -20.48
N VAL B 285 -22.15 4.25 -20.78
CA VAL B 285 -21.19 4.93 -19.90
C VAL B 285 -20.82 6.37 -20.22
N ARG B 286 -21.16 6.85 -21.42
CA ARG B 286 -20.83 8.22 -21.78
C ARG B 286 -22.09 9.07 -21.94
N ASN B 287 -22.04 10.30 -21.44
CA ASN B 287 -23.18 11.22 -21.51
C ASN B 287 -23.08 12.32 -22.56
N ASN B 288 -22.00 12.35 -23.33
CA ASN B 288 -21.90 13.39 -24.35
C ASN B 288 -21.37 12.90 -25.69
N VAL B 289 -21.40 13.80 -26.67
CA VAL B 289 -20.94 13.54 -28.04
C VAL B 289 -19.89 12.43 -28.15
C2 BGC C . -7.32 2.47 36.47
C3 BGC C . -6.80 2.07 35.06
C4 BGC C . -8.00 2.04 34.09
C5 BGC C . -8.69 3.41 34.03
C6 BGC C . -9.96 3.40 33.18
C1 BGC C . -7.98 3.87 36.33
O1 BGC C . -8.46 4.27 37.57
O2 BGC C . -6.23 2.50 37.36
O3 BGC C . -6.16 0.80 35.17
O4 BGC C . -7.58 1.71 32.73
O5 BGC C . -9.08 3.81 35.38
O6 BGC C . -10.21 4.70 32.68
C1 GAL C . -7.74 0.38 32.29
C2 GAL C . -7.66 0.32 30.76
C3 GAL C . -7.77 -1.15 30.31
C4 GAL C . -6.64 -1.95 30.99
C5 GAL C . -6.77 -1.82 32.54
C6 GAL C . -5.80 -2.48 33.18
O2 GAL C . -8.71 1.09 30.15
O3 GAL C . -7.69 -1.21 28.89
O4 GAL C . -5.35 -1.46 30.59
O5 GAL C . -6.71 -0.41 32.92
O6 GAL C . -6.09 -2.52 34.56
C2 BGC D . -10.69 0.07 -35.68
C3 BGC D . -9.95 0.24 -34.35
C4 BGC D . -10.99 0.59 -33.26
C5 BGC D . -12.04 -0.51 -33.14
C6 BGC D . -13.17 -0.16 -32.18
C1 BGC D . -11.71 -1.07 -35.50
O1 BGC D . -12.43 -1.27 -36.68
O2 BGC D . -9.75 -0.24 -36.68
O3 BGC D . -8.98 1.27 -34.50
O4 BGC D . -10.39 0.75 -31.94
O5 BGC D . -12.64 -0.74 -34.45
O6 BGC D . -13.42 -1.23 -31.29
C1 GAL D . -10.21 2.07 -31.47
C2 GAL D . -9.94 2.05 -29.97
C3 GAL D . -9.68 3.49 -29.49
C4 GAL D . -8.48 4.04 -30.31
C5 GAL D . -8.82 4.00 -31.82
C6 GAL D . -7.81 4.44 -32.59
O2 GAL D . -11.03 1.50 -29.26
O3 GAL D . -9.43 3.49 -28.09
O4 GAL D . -7.30 3.25 -30.08
O5 GAL D . -9.12 2.62 -32.22
O6 GAL D . -8.27 4.56 -33.93
N1 UDP E . -12.70 -3.84 19.50
C2 UDP E . -13.62 -3.69 18.46
N3 UDP E . -14.94 -3.95 18.78
C4 UDP E . -15.45 -4.38 20.02
C5 UDP E . -14.41 -4.54 21.16
C6 UDP E . -13.12 -4.26 20.79
O2 UDP E . -13.31 -3.33 17.33
O4 UDP E . -16.67 -4.57 20.09
C1' UDP E . -11.25 -3.58 19.21
C2' UDP E . -10.86 -2.11 19.03
O2' UDP E . -9.93 -1.98 17.98
C3' UDP E . -10.29 -1.76 20.40
C4' UDP E . -9.54 -3.03 20.77
O4' UDP E . -10.43 -4.08 20.27
O3' UDP E . -9.38 -0.66 20.27
C5' UDP E . -9.36 -3.22 22.29
O5' UDP E . -10.61 -2.95 22.90
PA UDP E . -11.16 -1.78 23.76
O1A UDP E . -10.88 -0.52 23.05
O2A UDP E . -12.59 -2.08 24.08
O3A UDP E . -10.18 -1.94 25.00
PB UDP E . -9.93 -1.01 26.27
O1B UDP E . -8.65 -0.13 25.84
O2B UDP E . -9.65 -2.01 27.33
O3B UDP E . -10.99 0.02 26.47
MN MN F . -8.43 0.41 23.74
N1 UDP G . -12.75 7.54 -18.29
C2 UDP G . -13.62 7.56 -17.21
N3 UDP G . -14.86 8.12 -17.43
C4 UDP G . -15.33 8.68 -18.64
C5 UDP G . -14.35 8.64 -19.83
C6 UDP G . -13.15 8.08 -19.54
O2 UDP G . -13.31 7.09 -16.08
O4 UDP G . -16.48 9.15 -18.65
C1' UDP G . -11.38 6.95 -18.10
C2' UDP G . -11.35 5.42 -18.02
O2' UDP G . -10.34 4.98 -17.13
C3' UDP G . -11.09 5.03 -19.47
C4' UDP G . -10.10 6.12 -19.94
O4' UDP G . -10.53 7.31 -19.21
O3' UDP G . -10.48 3.75 -19.49
C5' UDP G . -10.17 6.44 -21.46
O5' UDP G . -11.50 6.25 -21.92
PA UDP G . -12.22 5.11 -22.75
O1A UDP G . -11.94 3.82 -22.08
O2A UDP G . -13.65 5.50 -22.88
O3A UDP G . -11.40 5.20 -24.10
PB UDP G . -11.34 4.16 -25.33
O1B UDP G . -10.16 3.12 -24.90
O2B UDP G . -10.96 5.02 -26.47
O3B UDP G . -12.55 3.29 -25.43
MN MN H . -10.22 2.20 -22.95
#